data_8DPA
#
_entry.id   8DPA
#
_cell.length_a   79.663
_cell.length_b   79.663
_cell.length_c   201.317
_cell.angle_alpha   90.000
_cell.angle_beta   90.000
_cell.angle_gamma   90.000
#
_symmetry.space_group_name_H-M   'P 41 21 2'
#
loop_
_entity.id
_entity.type
_entity.pdbx_description
1 polymer AvrM14-B
2 non-polymer 'SULFATE ION'
3 water water
#
_entity_poly.entity_id   1
_entity_poly.type   'polypeptide(L)'
_entity_poly.pdbx_seq_one_letter_code
;SNAGNNDLENVKAIAIVYRELSDGSQTVLLAKMKGLADEKGWMFVRGHVRKDEEADPGVAAIRETQEETGFTGMVKQSGA
PFTQPGSKDPQRVITIHPHIVQVQEASKSKDTEDTVKREFLWVRPSEVRSKLQRAEMIQAWDQLHSFF
;
_entity_poly.pdbx_strand_id   A,B
#
# COMPACT_ATOMS: atom_id res chain seq x y z
N GLY A 4 17.56 24.83 8.45
CA GLY A 4 16.76 24.11 9.43
C GLY A 4 15.97 22.97 8.81
N ASN A 5 15.11 23.31 7.84
CA ASN A 5 14.43 22.32 7.03
C ASN A 5 15.17 21.99 5.74
N ASN A 6 16.40 22.48 5.59
CA ASN A 6 17.22 22.05 4.47
C ASN A 6 17.67 20.61 4.68
N ASP A 7 17.71 19.86 3.58
CA ASP A 7 18.17 18.48 3.62
C ASP A 7 19.66 18.41 3.90
N LEU A 8 20.04 17.42 4.69
CA LEU A 8 21.43 17.01 4.82
C LEU A 8 21.78 16.18 3.58
N GLU A 9 22.81 16.59 2.85
CA GLU A 9 23.12 15.95 1.58
C GLU A 9 23.44 14.46 1.76
N ASN A 10 24.20 14.11 2.79
CA ASN A 10 24.75 12.76 2.92
C ASN A 10 24.23 12.02 4.16
N VAL A 11 23.04 12.38 4.65
CA VAL A 11 22.44 11.69 5.77
C VAL A 11 21.00 11.33 5.37
N LYS A 12 20.67 10.04 5.45
CA LYS A 12 19.36 9.57 5.03
C LYS A 12 18.74 8.72 6.12
N ALA A 13 17.41 8.59 6.05
CA ALA A 13 16.64 7.73 6.94
C ALA A 13 15.94 6.68 6.09
N ILE A 14 15.91 5.45 6.58
CA ILE A 14 15.13 4.38 5.97
C ILE A 14 14.03 4.02 6.95
N ALA A 15 12.81 3.83 6.43
CA ALA A 15 11.69 3.37 7.22
C ALA A 15 11.22 2.04 6.67
N ILE A 16 11.31 0.99 7.50
CA ILE A 16 10.67 -0.28 7.24
C ILE A 16 9.26 -0.18 7.81
N VAL A 17 8.30 -0.02 6.92
CA VAL A 17 6.91 0.27 7.29
C VAL A 17 6.18 -1.05 7.38
N TYR A 18 5.43 -1.25 8.46
CA TYR A 18 4.69 -2.49 8.64
C TYR A 18 3.33 -2.21 9.27
N ARG A 19 2.41 -3.15 9.09
CA ARG A 19 1.13 -3.07 9.77
C ARG A 19 0.94 -4.33 10.62
N GLU A 20 0.13 -4.20 11.67
CA GLU A 20 -0.23 -5.34 12.50
C GLU A 20 -1.66 -5.75 12.18
N LEU A 21 -1.86 -7.03 11.89
CA LEU A 21 -3.20 -7.56 11.65
C LEU A 21 -3.80 -8.02 12.98
N SER A 22 -5.10 -8.35 12.96
CA SER A 22 -5.82 -8.47 14.22
C SER A 22 -5.35 -9.66 15.05
N ASP A 23 -4.82 -10.70 14.42
CA ASP A 23 -4.35 -11.87 15.17
C ASP A 23 -2.91 -11.72 15.66
N GLY A 24 -2.28 -10.57 15.41
CA GLY A 24 -0.90 -10.37 15.79
C GLY A 24 0.10 -10.55 14.67
N SER A 25 -0.33 -11.08 13.52
CA SER A 25 0.56 -11.16 12.37
C SER A 25 0.91 -9.77 11.86
N GLN A 26 2.02 -9.70 11.15
CA GLN A 26 2.54 -8.43 10.65
C GLN A 26 2.84 -8.56 9.16
N THR A 27 2.64 -7.47 8.43
CA THR A 27 3.05 -7.43 7.03
C THR A 27 3.88 -6.18 6.81
N VAL A 28 4.84 -6.29 5.89
CA VAL A 28 5.83 -5.26 5.63
C VAL A 28 5.59 -4.69 4.25
N LEU A 29 5.64 -3.37 4.15
CA LEU A 29 5.42 -2.67 2.90
C LEU A 29 6.72 -2.52 2.11
N LEU A 30 6.68 -2.90 0.84
CA LEU A 30 7.79 -2.67 -0.07
C LEU A 30 7.32 -1.80 -1.23
N ALA A 31 8.27 -1.16 -1.90
CA ALA A 31 7.96 -0.23 -2.98
C ALA A 31 9.04 -0.30 -4.05
N LYS A 32 8.67 0.06 -5.26
CA LYS A 32 9.66 0.23 -6.30
C LYS A 32 9.16 1.26 -7.30
N MET A 33 10.10 1.98 -7.91
CA MET A 33 9.75 2.89 -8.98
C MET A 33 9.06 2.10 -10.09
N LYS A 34 7.93 2.61 -10.58
CA LYS A 34 7.18 1.90 -11.60
C LYS A 34 8.04 1.68 -12.85
N GLY A 35 8.10 0.43 -13.30
CA GLY A 35 8.89 0.06 -14.46
C GLY A 35 9.92 -1.02 -14.20
N LYS A 40 16.56 -5.46 -9.98
CA LYS A 40 16.75 -4.30 -9.13
C LYS A 40 15.96 -4.42 -7.80
N GLY A 41 14.91 -5.22 -7.80
CA GLY A 41 14.19 -5.57 -6.58
C GLY A 41 13.34 -4.45 -6.00
N TRP A 42 12.97 -4.63 -4.75
CA TRP A 42 12.06 -3.76 -4.01
C TRP A 42 12.80 -3.00 -2.92
N MET A 43 12.16 -1.99 -2.35
CA MET A 43 12.86 -1.17 -1.39
C MET A 43 11.92 -0.68 -0.29
N PHE A 44 12.53 -0.29 0.84
CA PHE A 44 11.82 0.35 1.93
C PHE A 44 11.68 1.85 1.63
N VAL A 45 11.06 2.59 2.54
CA VAL A 45 10.98 4.03 2.39
C VAL A 45 12.35 4.65 2.67
N ARG A 46 12.78 5.59 1.83
CA ARG A 46 14.07 6.26 1.99
C ARG A 46 13.92 7.73 1.65
N GLY A 47 14.67 8.58 2.35
CA GLY A 47 14.74 10.00 2.03
C GLY A 47 15.84 10.65 2.86
N HIS A 48 16.02 11.95 2.63
CA HIS A 48 17.06 12.71 3.33
C HIS A 48 16.56 13.15 4.70
N VAL A 49 17.47 13.15 5.66
CA VAL A 49 17.23 13.76 6.96
C VAL A 49 17.45 15.27 6.87
N ARG A 50 16.56 16.04 7.47
CA ARG A 50 16.76 17.49 7.49
C ARG A 50 17.67 17.89 8.65
N LYS A 51 18.29 19.06 8.52
CA LYS A 51 19.19 19.57 9.55
C LYS A 51 18.54 19.55 10.93
N ASP A 52 17.28 20.00 11.02
CA ASP A 52 16.61 20.04 12.32
C ASP A 52 16.07 18.68 12.74
N GLU A 53 16.30 17.63 11.97
CA GLU A 53 15.94 16.26 12.37
C GLU A 53 17.14 15.43 12.76
N GLU A 54 18.36 15.96 12.62
CA GLU A 54 19.55 15.14 12.77
C GLU A 54 19.68 14.55 14.16
N ALA A 55 19.22 15.26 15.19
CA ALA A 55 19.34 14.72 16.54
C ALA A 55 18.41 13.52 16.79
N ASP A 56 17.42 13.33 15.94
N ASP A 56 17.37 13.34 15.99
CA ASP A 56 16.46 12.24 16.10
CA ASP A 56 16.51 12.16 16.09
C ASP A 56 15.96 11.93 14.70
C ASP A 56 15.99 11.92 14.71
N PRO A 57 16.67 11.05 13.98
CA PRO A 57 16.24 10.80 12.60
C PRO A 57 14.91 10.07 12.50
N GLY A 58 14.41 9.50 13.60
CA GLY A 58 13.06 8.92 13.57
C GLY A 58 12.01 9.91 13.07
N VAL A 59 12.22 11.21 13.34
CA VAL A 59 11.31 12.23 12.83
C VAL A 59 11.29 12.20 11.30
N ALA A 60 12.47 12.06 10.70
CA ALA A 60 12.57 11.96 9.24
C ALA A 60 11.88 10.70 8.73
N ALA A 61 12.06 9.57 9.43
CA ALA A 61 11.40 8.34 9.03
C ALA A 61 9.87 8.50 9.05
N ILE A 62 9.32 9.15 10.07
CA ILE A 62 7.86 9.38 10.12
C ILE A 62 7.43 10.31 9.00
N ARG A 63 8.18 11.39 8.78
CA ARG A 63 7.85 12.33 7.72
C ARG A 63 7.89 11.66 6.35
N GLU A 64 8.97 10.91 6.06
CA GLU A 64 9.09 10.27 4.75
CA GLU A 64 9.05 10.32 4.73
C GLU A 64 8.00 9.23 4.55
N THR A 65 7.65 8.50 5.61
CA THR A 65 6.58 7.51 5.49
C THR A 65 5.29 8.19 5.06
N GLN A 66 4.96 9.31 5.72
CA GLN A 66 3.76 10.04 5.37
C GLN A 66 3.82 10.55 3.93
N GLU A 67 4.96 11.14 3.54
CA GLU A 67 5.10 11.70 2.19
C GLU A 67 4.96 10.62 1.12
N GLU A 68 5.62 9.47 1.31
CA GLU A 68 5.67 8.44 0.27
C GLU A 68 4.44 7.57 0.24
N THR A 69 3.83 7.29 1.39
CA THR A 69 2.75 6.32 1.44
C THR A 69 1.40 6.89 1.85
N GLY A 70 1.37 8.06 2.48
CA GLY A 70 0.15 8.57 3.09
C GLY A 70 -0.16 8.01 4.46
N PHE A 71 0.60 7.03 4.96
CA PHE A 71 0.33 6.46 6.27
C PHE A 71 0.90 7.34 7.39
N THR A 72 0.15 7.44 8.48
CA THR A 72 0.65 7.94 9.76
C THR A 72 1.37 6.81 10.50
N GLY A 73 2.63 7.04 10.86
CA GLY A 73 3.39 5.99 11.49
C GLY A 73 3.94 6.33 12.87
N MET A 74 4.40 5.33 13.61
CA MET A 74 5.12 5.57 14.86
C MET A 74 6.37 4.71 14.84
N VAL A 75 7.47 5.28 15.31
CA VAL A 75 8.74 4.56 15.36
C VAL A 75 8.68 3.53 16.48
N LYS A 76 9.03 2.29 16.16
CA LYS A 76 9.08 1.21 17.13
C LYS A 76 10.50 0.73 17.45
N GLN A 77 11.47 0.99 16.58
CA GLN A 77 12.84 0.53 16.75
C GLN A 77 13.70 1.25 15.74
N SER A 78 14.96 1.48 16.10
CA SER A 78 15.85 2.11 15.12
C SER A 78 17.24 1.52 15.29
N GLY A 79 17.88 1.23 14.16
CA GLY A 79 19.14 0.51 14.18
C GLY A 79 20.27 1.47 14.22
N ALA A 80 21.45 0.97 14.58
CA ALA A 80 22.60 1.86 14.58
C ALA A 80 22.82 2.39 13.16
N PRO A 81 23.38 3.59 13.03
CA PRO A 81 23.64 4.13 11.68
C PRO A 81 24.61 3.22 10.92
N PHE A 82 24.47 3.19 9.60
CA PHE A 82 25.44 2.48 8.77
C PHE A 82 25.78 3.35 7.57
N THR A 83 26.91 3.01 6.93
CA THR A 83 27.47 3.81 5.86
C THR A 83 27.43 3.07 4.53
N GLN A 84 27.14 3.80 3.45
CA GLN A 84 27.12 3.25 2.10
C GLN A 84 27.78 4.24 1.16
N PRO A 85 28.37 3.76 0.06
CA PRO A 85 29.00 4.69 -0.88
C PRO A 85 27.92 5.37 -1.72
N GLY A 86 28.27 6.54 -2.24
CA GLY A 86 27.35 7.22 -3.15
C GLY A 86 27.12 6.41 -4.41
N SER A 87 25.88 6.49 -4.92
CA SER A 87 25.48 5.63 -6.02
C SER A 87 26.25 5.94 -7.30
N LYS A 88 26.60 7.20 -7.54
CA LYS A 88 27.41 7.53 -8.72
C LYS A 88 28.75 8.13 -8.34
N ASP A 89 29.17 7.98 -7.10
CA ASP A 89 30.46 8.51 -6.69
C ASP A 89 31.00 7.66 -5.55
N PRO A 90 32.02 6.83 -5.81
CA PRO A 90 32.58 6.00 -4.73
C PRO A 90 33.28 6.80 -3.64
N GLN A 91 33.63 8.06 -3.91
CA GLN A 91 34.18 8.93 -2.86
C GLN A 91 33.12 9.39 -1.88
N ARG A 92 31.86 9.36 -2.27
CA ARG A 92 30.80 9.90 -1.44
C ARG A 92 30.44 8.92 -0.34
N VAL A 93 30.23 9.45 0.85
CA VAL A 93 29.87 8.67 2.04
C VAL A 93 28.49 9.10 2.51
N ILE A 94 27.55 8.16 2.52
CA ILE A 94 26.18 8.43 2.96
C ILE A 94 25.95 7.66 4.26
N THR A 95 25.48 8.37 5.28
CA THR A 95 25.08 7.75 6.54
C THR A 95 23.58 7.50 6.55
N ILE A 96 23.18 6.29 6.89
CA ILE A 96 21.79 5.86 6.81
C ILE A 96 21.33 5.43 8.19
N HIS A 97 20.17 5.95 8.61
CA HIS A 97 19.57 5.64 9.91
C HIS A 97 18.29 4.82 9.64
N PRO A 98 18.31 3.51 9.87
CA PRO A 98 17.14 2.68 9.58
C PRO A 98 16.20 2.55 10.77
N HIS A 99 14.90 2.45 10.46
CA HIS A 99 13.84 2.47 11.46
C HIS A 99 12.74 1.47 11.10
N ILE A 100 12.10 0.92 12.15
CA ILE A 100 10.81 0.21 12.04
C ILE A 100 9.72 1.21 12.34
N VAL A 101 8.72 1.31 11.44
CA VAL A 101 7.64 2.28 11.56
C VAL A 101 6.32 1.53 11.44
N GLN A 102 5.49 1.58 12.49
CA GLN A 102 4.18 0.94 12.50
C GLN A 102 3.12 1.86 11.94
N VAL A 103 2.35 1.36 10.97
CA VAL A 103 1.21 2.08 10.43
C VAL A 103 0.12 2.14 11.49
N GLN A 104 -0.40 3.34 11.74
CA GLN A 104 -1.48 3.54 12.69
C GLN A 104 -2.82 3.32 12.00
N GLU A 105 -3.63 2.43 12.55
CA GLU A 105 -4.98 2.20 12.06
C GLU A 105 -6.01 2.24 13.18
N ALA A 106 -7.20 2.76 12.86
CA ALA A 106 -8.26 2.82 13.86
C ALA A 106 -8.61 1.42 14.37
N SER A 107 -8.65 0.44 13.48
CA SER A 107 -8.91 -0.94 13.84
C SER A 107 -8.08 -1.85 12.94
N LYS A 108 -7.77 -3.04 13.45
CA LYS A 108 -6.90 -3.97 12.72
C LYS A 108 -7.69 -4.86 11.79
N SER A 109 -7.15 -5.06 10.59
CA SER A 109 -7.77 -5.96 9.62
C SER A 109 -7.50 -7.42 9.97
N LYS A 110 -8.43 -8.28 9.56
CA LYS A 110 -8.27 -9.72 9.69
C LYS A 110 -7.09 -10.23 8.86
N ASP A 111 -6.40 -11.24 9.40
CA ASP A 111 -5.27 -11.92 8.76
C ASP A 111 -5.80 -12.93 7.74
N THR A 112 -5.87 -12.54 6.48
CA THR A 112 -6.20 -13.44 5.37
C THR A 112 -5.14 -13.30 4.28
N GLU A 113 -5.14 -14.23 3.31
CA GLU A 113 -4.12 -14.04 2.27
C GLU A 113 -4.43 -12.87 1.35
N ASP A 114 -5.58 -12.21 1.54
CA ASP A 114 -5.85 -10.93 0.89
C ASP A 114 -4.88 -9.82 1.32
N THR A 115 -4.17 -10.00 2.43
CA THR A 115 -3.36 -8.93 2.99
C THR A 115 -1.96 -8.85 2.40
N VAL A 116 -1.59 -9.78 1.51
CA VAL A 116 -0.25 -9.80 0.92
C VAL A 116 -0.35 -10.20 -0.55
N LYS A 117 0.79 -10.08 -1.24
CA LYS A 117 0.98 -10.58 -2.59
C LYS A 117 0.13 -9.85 -3.63
N ARG A 118 -0.33 -8.65 -3.33
CA ARG A 118 -0.99 -7.81 -4.32
C ARG A 118 -0.16 -6.56 -4.53
N GLU A 119 0.18 -6.30 -5.78
CA GLU A 119 0.93 -5.13 -6.18
C GLU A 119 -0.05 -3.99 -6.45
N PHE A 120 0.31 -2.78 -6.01
CA PHE A 120 -0.57 -1.60 -6.08
C PHE A 120 0.08 -0.44 -6.80
N LEU A 121 -0.75 0.35 -7.49
CA LEU A 121 -0.30 1.50 -8.27
C LEU A 121 -1.40 2.57 -8.21
N TRP A 122 -1.02 3.81 -7.89
CA TRP A 122 -1.95 4.94 -7.95
C TRP A 122 -1.86 5.60 -9.31
N VAL A 123 -3.02 5.83 -9.96
CA VAL A 123 -3.03 6.47 -11.27
C VAL A 123 -4.06 7.61 -11.32
N ARG A 124 -3.99 8.41 -12.34
CA ARG A 124 -4.99 9.44 -12.48
C ARG A 124 -6.23 8.78 -13.10
N PRO A 125 -7.41 9.33 -12.82
CA PRO A 125 -8.63 8.79 -13.46
C PRO A 125 -8.51 8.60 -14.97
N SER A 126 -7.82 9.49 -15.67
CA SER A 126 -7.73 9.40 -17.13
C SER A 126 -6.90 8.21 -17.59
N GLU A 127 -6.13 7.60 -16.69
CA GLU A 127 -5.29 6.45 -17.03
C GLU A 127 -5.92 5.11 -16.65
N VAL A 128 -7.07 5.12 -15.95
CA VAL A 128 -7.62 3.89 -15.39
C VAL A 128 -8.03 2.93 -16.50
N ARG A 129 -8.82 3.42 -17.46
CA ARG A 129 -9.42 2.51 -18.43
C ARG A 129 -8.37 1.72 -19.20
N SER A 130 -7.25 2.36 -19.57
CA SER A 130 -6.26 1.66 -20.39
C SER A 130 -5.57 0.54 -19.61
N LYS A 131 -5.66 0.54 -18.29
CA LYS A 131 -5.10 -0.54 -17.49
C LYS A 131 -6.08 -1.66 -17.17
N LEU A 132 -7.37 -1.48 -17.43
CA LEU A 132 -8.35 -2.53 -17.18
C LEU A 132 -8.43 -3.48 -18.37
N GLN A 133 -8.42 -4.78 -18.10
CA GLN A 133 -8.57 -5.76 -19.17
C GLN A 133 -9.76 -6.70 -19.01
N ARG A 134 -10.33 -6.80 -17.80
CA ARG A 134 -11.41 -7.74 -17.51
C ARG A 134 -12.76 -7.08 -17.57
N ALA A 135 -13.73 -7.79 -18.17
CA ALA A 135 -15.08 -7.26 -18.32
C ALA A 135 -15.67 -6.74 -17.01
N GLU A 136 -15.46 -7.49 -15.92
CA GLU A 136 -16.06 -7.13 -14.64
C GLU A 136 -15.56 -5.77 -14.15
N MET A 137 -14.24 -5.54 -14.27
CA MET A 137 -13.66 -4.27 -13.84
C MET A 137 -14.13 -3.14 -14.75
N ILE A 138 -14.17 -3.39 -16.06
CA ILE A 138 -14.61 -2.37 -17.00
C ILE A 138 -16.06 -1.98 -16.72
N GLN A 139 -16.90 -2.97 -16.40
CA GLN A 139 -18.30 -2.68 -16.07
C GLN A 139 -18.39 -1.78 -14.84
N ALA A 140 -17.64 -2.09 -13.78
CA ALA A 140 -17.65 -1.26 -12.58
C ALA A 140 -17.21 0.16 -12.91
N TRP A 141 -16.14 0.30 -13.71
CA TRP A 141 -15.66 1.62 -14.10
C TRP A 141 -16.69 2.33 -14.97
N ASP A 142 -17.34 1.60 -15.87
CA ASP A 142 -18.30 2.24 -16.77
C ASP A 142 -19.46 2.85 -15.98
N GLN A 143 -19.86 2.19 -14.89
CA GLN A 143 -20.98 2.66 -14.08
C GLN A 143 -20.60 3.86 -13.22
N LEU A 144 -19.36 3.94 -12.75
CA LEU A 144 -19.02 4.88 -11.69
C LEU A 144 -18.02 5.95 -12.09
N HIS A 145 -17.46 5.90 -13.31
CA HIS A 145 -16.38 6.84 -13.65
C HIS A 145 -16.87 8.28 -13.66
N SER A 146 -18.18 8.51 -13.79
CA SER A 146 -18.68 9.88 -13.80
C SER A 146 -18.52 10.58 -12.45
N PHE A 147 -18.16 9.85 -11.40
CA PHE A 147 -17.86 10.46 -10.11
C PHE A 147 -16.61 11.33 -10.20
N PHE A 148 -15.65 10.95 -11.06
CA PHE A 148 -14.34 11.64 -11.15
C PHE A 148 -14.37 12.78 -12.17
N ASN B 6 -19.13 -18.15 6.13
CA ASN B 6 -19.53 -16.80 6.51
C ASN B 6 -19.71 -15.89 5.30
N ASP B 7 -19.00 -16.19 4.22
CA ASP B 7 -19.15 -15.42 2.98
C ASP B 7 -20.36 -15.88 2.18
N LEU B 8 -20.96 -14.93 1.48
CA LEU B 8 -21.93 -15.27 0.43
C LEU B 8 -21.13 -15.69 -0.80
N GLU B 9 -21.38 -16.90 -1.30
CA GLU B 9 -20.52 -17.43 -2.37
C GLU B 9 -20.62 -16.58 -3.64
N ASN B 10 -21.81 -16.13 -4.00
CA ASN B 10 -22.03 -15.53 -5.31
C ASN B 10 -22.37 -14.04 -5.22
N VAL B 11 -21.90 -13.38 -4.17
CA VAL B 11 -22.14 -11.95 -3.99
C VAL B 11 -20.81 -11.30 -3.62
N LYS B 12 -20.37 -10.37 -4.44
CA LYS B 12 -19.09 -9.71 -4.22
C LYS B 12 -19.26 -8.20 -4.20
N ALA B 13 -18.29 -7.53 -3.59
CA ALA B 13 -18.22 -6.07 -3.61
C ALA B 13 -16.96 -5.66 -4.34
N ILE B 14 -17.04 -4.58 -5.11
CA ILE B 14 -15.87 -3.97 -5.72
C ILE B 14 -15.72 -2.58 -5.12
N ALA B 15 -14.49 -2.22 -4.76
CA ALA B 15 -14.18 -0.89 -4.25
C ALA B 15 -13.26 -0.21 -5.26
N ILE B 16 -13.74 0.88 -5.85
CA ILE B 16 -12.90 1.79 -6.61
C ILE B 16 -12.36 2.80 -5.62
N VAL B 17 -11.09 2.65 -5.26
CA VAL B 17 -10.48 3.38 -4.16
C VAL B 17 -9.77 4.60 -4.73
N TYR B 18 -9.99 5.76 -4.10
CA TYR B 18 -9.34 6.97 -4.56
C TYR B 18 -8.94 7.82 -3.38
N ARG B 19 -8.05 8.78 -3.61
CA ARG B 19 -7.79 9.79 -2.61
C ARG B 19 -7.67 11.14 -3.28
N GLU B 20 -7.98 12.19 -2.51
CA GLU B 20 -7.82 13.55 -2.97
C GLU B 20 -6.44 14.04 -2.56
N LEU B 21 -5.74 14.64 -3.50
CA LEU B 21 -4.41 15.17 -3.26
C LEU B 21 -4.51 16.64 -2.90
N SER B 22 -3.42 17.18 -2.34
CA SER B 22 -3.43 18.54 -1.82
C SER B 22 -3.75 19.58 -2.90
N ASP B 23 -3.33 19.35 -4.14
CA ASP B 23 -3.67 20.27 -5.21
C ASP B 23 -5.09 20.08 -5.74
N GLY B 24 -5.94 19.39 -4.99
CA GLY B 24 -7.33 19.20 -5.36
C GLY B 24 -7.60 18.08 -6.36
N SER B 25 -6.57 17.47 -6.92
CA SER B 25 -6.78 16.40 -7.89
C SER B 25 -6.97 15.06 -7.19
N GLN B 26 -7.38 14.07 -7.95
CA GLN B 26 -7.67 12.75 -7.41
C GLN B 26 -6.78 11.71 -8.08
N THR B 27 -6.55 10.64 -7.35
CA THR B 27 -5.84 9.48 -7.85
C THR B 27 -6.56 8.22 -7.42
N VAL B 28 -6.50 7.19 -8.28
CA VAL B 28 -7.27 5.96 -8.15
C VAL B 28 -6.29 4.80 -7.96
N LEU B 29 -6.59 3.92 -7.00
CA LEU B 29 -5.75 2.79 -6.68
C LEU B 29 -6.07 1.58 -7.55
N LEU B 30 -5.06 1.03 -8.21
CA LEU B 30 -5.23 -0.19 -9.00
C LEU B 30 -4.37 -1.28 -8.38
N ALA B 31 -4.76 -2.53 -8.62
CA ALA B 31 -4.06 -3.66 -8.03
C ALA B 31 -3.90 -4.76 -9.07
N LYS B 32 -2.88 -5.60 -8.86
CA LYS B 32 -2.90 -6.92 -9.48
C LYS B 32 -2.21 -7.91 -8.56
N MET B 33 -2.60 -9.17 -8.74
CA MET B 33 -1.89 -10.26 -8.07
C MET B 33 -0.47 -10.36 -8.58
N LYS B 34 0.50 -10.35 -7.66
CA LYS B 34 1.90 -10.33 -8.06
C LYS B 34 2.28 -11.62 -8.77
N GLY B 35 2.77 -11.50 -9.99
CA GLY B 35 3.16 -12.64 -10.80
C GLY B 35 2.26 -12.88 -12.01
N LYS B 40 -4.23 -10.77 -18.01
CA LYS B 40 -4.90 -9.66 -17.36
C LYS B 40 -4.04 -8.40 -17.28
N GLY B 41 -4.71 -7.29 -16.99
CA GLY B 41 -4.03 -6.08 -16.55
C GLY B 41 -4.32 -5.86 -15.07
N TRP B 42 -4.86 -4.69 -14.75
CA TRP B 42 -5.05 -4.28 -13.36
C TRP B 42 -6.52 -4.37 -12.98
N MET B 43 -6.77 -4.27 -11.67
CA MET B 43 -8.12 -4.43 -11.18
C MET B 43 -8.34 -3.48 -10.00
N PHE B 44 -9.61 -3.36 -9.61
CA PHE B 44 -9.97 -2.66 -8.39
C PHE B 44 -9.91 -3.65 -7.22
N VAL B 45 -10.26 -3.16 -6.03
CA VAL B 45 -10.36 -4.03 -4.86
C VAL B 45 -11.65 -4.85 -4.96
N ARG B 46 -11.58 -6.15 -4.68
CA ARG B 46 -12.75 -7.02 -4.79
C ARG B 46 -12.73 -8.04 -3.66
N GLY B 47 -13.91 -8.45 -3.20
CA GLY B 47 -13.99 -9.46 -2.16
C GLY B 47 -15.41 -9.95 -2.02
N HIS B 48 -15.59 -11.04 -1.30
CA HIS B 48 -16.91 -11.59 -1.05
C HIS B 48 -17.62 -10.78 -0.01
N VAL B 49 -18.91 -10.66 -0.16
CA VAL B 49 -19.75 -10.01 0.84
C VAL B 49 -20.10 -11.05 1.90
N ARG B 50 -19.91 -10.70 3.17
CA ARG B 50 -20.26 -11.62 4.24
C ARG B 50 -21.78 -11.68 4.40
N LYS B 51 -22.26 -12.77 5.02
CA LYS B 51 -23.69 -12.88 5.29
C LYS B 51 -24.16 -11.74 6.18
N ASP B 52 -23.37 -11.35 7.18
CA ASP B 52 -23.79 -10.25 8.05
C ASP B 52 -23.57 -8.89 7.41
N GLU B 53 -23.15 -8.86 6.14
CA GLU B 53 -23.03 -7.64 5.36
C GLU B 53 -24.05 -7.58 4.22
N GLU B 54 -24.89 -8.60 4.08
CA GLU B 54 -25.84 -8.67 2.97
C GLU B 54 -26.66 -7.40 2.83
N ALA B 55 -27.13 -6.86 3.96
CA ALA B 55 -28.00 -5.70 3.94
C ALA B 55 -27.27 -4.39 3.62
N ASP B 56 -25.94 -4.36 3.65
CA ASP B 56 -25.21 -3.16 3.25
C ASP B 56 -23.85 -3.58 2.68
N PRO B 57 -23.80 -3.90 1.39
CA PRO B 57 -22.53 -4.32 0.78
C PRO B 57 -21.43 -3.27 0.85
N GLY B 58 -21.76 -1.99 1.06
CA GLY B 58 -20.72 -0.99 1.24
C GLY B 58 -19.79 -1.32 2.41
N VAL B 59 -20.32 -1.96 3.45
CA VAL B 59 -19.48 -2.37 4.58
C VAL B 59 -18.40 -3.33 4.12
N ALA B 60 -18.75 -4.23 3.20
CA ALA B 60 -17.77 -5.17 2.64
C ALA B 60 -16.71 -4.43 1.84
N ALA B 61 -17.12 -3.46 1.03
CA ALA B 61 -16.16 -2.68 0.25
C ALA B 61 -15.15 -2.01 1.16
N ILE B 62 -15.61 -1.48 2.31
CA ILE B 62 -14.72 -0.77 3.21
C ILE B 62 -13.78 -1.78 3.87
N ARG B 63 -14.33 -2.90 4.33
CA ARG B 63 -13.50 -3.91 4.99
C ARG B 63 -12.43 -4.45 4.04
N GLU B 64 -12.82 -4.76 2.80
CA GLU B 64 -11.86 -5.28 1.82
C GLU B 64 -10.79 -4.24 1.50
N THR B 65 -11.18 -2.96 1.38
CA THR B 65 -10.19 -1.93 1.14
C THR B 65 -9.12 -1.91 2.23
N GLN B 66 -9.52 -2.02 3.49
CA GLN B 66 -8.52 -1.98 4.56
C GLN B 66 -7.70 -3.26 4.60
N GLU B 67 -8.34 -4.41 4.39
CA GLU B 67 -7.63 -5.70 4.35
C GLU B 67 -6.51 -5.68 3.32
N GLU B 68 -6.81 -5.23 2.11
CA GLU B 68 -5.84 -5.30 1.01
C GLU B 68 -4.80 -4.19 1.08
N THR B 69 -5.22 -2.97 1.42
CA THR B 69 -4.36 -1.80 1.26
C THR B 69 -3.82 -1.24 2.55
N GLY B 70 -4.49 -1.49 3.69
CA GLY B 70 -4.15 -0.86 4.94
C GLY B 70 -4.79 0.48 5.19
N PHE B 71 -5.46 1.06 4.19
CA PHE B 71 -6.18 2.32 4.35
C PHE B 71 -7.60 2.08 4.81
N THR B 72 -8.07 2.94 5.72
CA THR B 72 -9.47 3.00 6.10
C THR B 72 -10.21 3.90 5.10
N GLY B 73 -11.39 3.49 4.68
CA GLY B 73 -12.11 4.18 3.63
C GLY B 73 -13.52 4.55 4.04
N MET B 74 -14.18 5.29 3.15
CA MET B 74 -15.57 5.71 3.35
C MET B 74 -16.29 5.71 2.00
N VAL B 75 -17.40 4.98 1.92
CA VAL B 75 -18.15 4.89 0.67
C VAL B 75 -18.65 6.28 0.28
N LYS B 76 -18.35 6.70 -0.94
CA LYS B 76 -18.82 7.99 -1.45
C LYS B 76 -19.95 7.85 -2.45
N GLN B 77 -20.03 6.73 -3.14
CA GLN B 77 -21.08 6.46 -4.12
C GLN B 77 -21.25 4.97 -4.22
N SER B 78 -22.50 4.51 -4.36
CA SER B 78 -22.81 3.10 -4.54
C SER B 78 -23.48 2.91 -5.89
N GLY B 79 -22.93 2.03 -6.71
CA GLY B 79 -23.50 1.77 -8.01
C GLY B 79 -24.55 0.65 -8.00
N ALA B 80 -25.30 0.57 -9.09
CA ALA B 80 -26.28 -0.48 -9.22
C ALA B 80 -25.57 -1.84 -9.29
N PRO B 81 -26.10 -2.88 -8.64
CA PRO B 81 -25.48 -4.20 -8.78
C PRO B 81 -25.49 -4.65 -10.23
N PHE B 82 -24.50 -5.46 -10.60
CA PHE B 82 -24.49 -6.06 -11.92
C PHE B 82 -24.07 -7.52 -11.80
N THR B 83 -24.35 -8.30 -12.83
CA THR B 83 -24.11 -9.74 -12.79
C THR B 83 -23.04 -10.14 -13.80
N GLN B 84 -22.22 -11.10 -13.42
CA GLN B 84 -21.18 -11.68 -14.24
C GLN B 84 -21.21 -13.19 -14.10
N PRO B 85 -20.74 -13.93 -15.10
CA PRO B 85 -20.68 -15.39 -14.98
C PRO B 85 -19.45 -15.81 -14.19
N GLY B 86 -19.45 -17.08 -13.78
CA GLY B 86 -18.31 -17.65 -13.11
C GLY B 86 -17.24 -18.07 -14.10
N ASP B 89 -17.39 -21.79 -14.28
CA ASP B 89 -18.74 -22.32 -14.49
C ASP B 89 -19.67 -21.24 -15.05
N PRO B 90 -20.05 -21.38 -16.33
CA PRO B 90 -20.93 -20.36 -16.94
C PRO B 90 -22.34 -20.30 -16.33
N GLN B 91 -22.84 -21.40 -15.76
CA GLN B 91 -24.10 -21.36 -15.01
C GLN B 91 -24.01 -20.53 -13.75
N ARG B 92 -22.83 -20.43 -13.16
CA ARG B 92 -22.68 -19.62 -11.96
C ARG B 92 -22.97 -18.16 -12.29
N VAL B 93 -23.77 -17.52 -11.44
CA VAL B 93 -24.12 -16.11 -11.61
C VAL B 93 -23.59 -15.38 -10.37
N ILE B 94 -22.66 -14.46 -10.58
CA ILE B 94 -22.13 -13.64 -9.48
C ILE B 94 -22.75 -12.25 -9.58
N THR B 95 -23.25 -11.77 -8.45
CA THR B 95 -23.78 -10.42 -8.34
C THR B 95 -22.72 -9.54 -7.71
N ILE B 96 -22.38 -8.44 -8.36
CA ILE B 96 -21.30 -7.56 -7.91
C ILE B 96 -21.88 -6.22 -7.52
N HIS B 97 -21.50 -5.72 -6.33
CA HIS B 97 -21.92 -4.42 -5.84
C HIS B 97 -20.74 -3.47 -5.90
N PRO B 98 -20.67 -2.57 -6.87
CA PRO B 98 -19.55 -1.64 -6.98
C PRO B 98 -19.75 -0.36 -6.19
N HIS B 99 -18.65 0.19 -5.67
CA HIS B 99 -18.66 1.35 -4.80
C HIS B 99 -17.44 2.22 -5.08
N ILE B 100 -17.61 3.52 -4.90
CA ILE B 100 -16.48 4.44 -4.81
C ILE B 100 -16.12 4.58 -3.34
N VAL B 101 -14.84 4.43 -3.01
CA VAL B 101 -14.38 4.45 -1.63
C VAL B 101 -13.24 5.46 -1.52
N GLN B 102 -13.42 6.49 -0.69
CA GLN B 102 -12.38 7.49 -0.46
C GLN B 102 -11.52 7.09 0.72
N VAL B 103 -10.21 7.09 0.53
CA VAL B 103 -9.34 6.74 1.65
C VAL B 103 -8.92 8.01 2.37
N VAL B 116 2.07 7.88 -5.51
CA VAL B 116 1.76 8.09 -6.91
C VAL B 116 2.88 7.58 -7.81
N LYS B 117 4.13 7.84 -7.40
CA LYS B 117 5.28 7.52 -8.24
C LYS B 117 5.61 6.03 -8.25
N ARG B 118 5.39 5.35 -7.13
CA ARG B 118 5.88 4.00 -6.94
C ARG B 118 4.77 2.98 -6.94
N GLU B 119 5.16 1.74 -7.18
CA GLU B 119 4.32 0.58 -7.02
C GLU B 119 4.58 0.04 -5.62
N PHE B 120 3.53 -0.48 -4.96
CA PHE B 120 3.68 -0.97 -3.60
C PHE B 120 3.26 -2.43 -3.49
N LEU B 121 3.75 -3.08 -2.43
CA LEU B 121 3.45 -4.49 -2.19
C LEU B 121 3.57 -4.79 -0.70
N TRP B 122 2.60 -5.52 -0.17
CA TRP B 122 2.66 -6.00 1.21
C TRP B 122 3.18 -7.43 1.20
N VAL B 123 4.08 -7.73 2.15
CA VAL B 123 4.82 -8.99 2.16
C VAL B 123 4.89 -9.53 3.59
N ARG B 124 4.78 -10.85 3.75
CA ARG B 124 5.05 -11.44 5.06
C ARG B 124 6.54 -11.25 5.39
N PRO B 125 6.89 -11.03 6.66
CA PRO B 125 8.31 -10.78 6.98
C PRO B 125 9.25 -11.88 6.52
N SER B 126 8.81 -13.15 6.56
CA SER B 126 9.68 -14.23 6.09
C SER B 126 9.92 -14.16 4.59
N GLU B 127 9.22 -13.31 3.85
CA GLU B 127 9.45 -13.20 2.42
C GLU B 127 10.13 -11.90 2.03
N VAL B 128 10.45 -11.04 2.98
CA VAL B 128 11.02 -9.73 2.63
C VAL B 128 12.40 -9.88 2.01
N ARG B 129 13.28 -10.67 2.64
CA ARG B 129 14.67 -10.74 2.19
CA ARG B 129 14.67 -10.73 2.19
C ARG B 129 14.76 -11.14 0.72
N SER B 130 13.93 -12.09 0.28
CA SER B 130 13.97 -12.53 -1.11
C SER B 130 13.63 -11.43 -2.09
N LYS B 131 12.93 -10.37 -1.64
CA LYS B 131 12.57 -9.25 -2.52
C LYS B 131 13.66 -8.20 -2.62
N LEU B 132 14.64 -8.21 -1.71
CA LEU B 132 15.63 -7.13 -1.65
C LEU B 132 16.83 -7.48 -2.53
N GLN B 133 17.25 -6.54 -3.38
CA GLN B 133 18.44 -6.74 -4.21
C GLN B 133 19.53 -5.71 -3.98
N ARG B 134 19.25 -4.62 -3.28
CA ARG B 134 20.21 -3.55 -3.02
C ARG B 134 20.90 -3.74 -1.67
N ALA B 135 22.24 -3.59 -1.66
CA ALA B 135 23.01 -3.74 -0.44
C ALA B 135 22.45 -2.90 0.69
N GLU B 136 22.05 -1.65 0.39
CA GLU B 136 21.59 -0.74 1.42
C GLU B 136 20.32 -1.25 2.09
N MET B 137 19.43 -1.83 1.30
CA MET B 137 18.16 -2.32 1.83
C MET B 137 18.41 -3.60 2.63
N ILE B 138 19.32 -4.45 2.13
CA ILE B 138 19.66 -5.68 2.84
C ILE B 138 20.29 -5.37 4.19
N GLN B 139 21.17 -4.35 4.23
CA GLN B 139 21.77 -3.98 5.50
C GLN B 139 20.72 -3.49 6.50
N ALA B 140 19.78 -2.64 6.06
CA ALA B 140 18.73 -2.18 6.97
C ALA B 140 17.95 -3.37 7.52
N TRP B 141 17.59 -4.31 6.66
CA TRP B 141 16.82 -5.47 7.08
C TRP B 141 17.65 -6.37 8.00
N ASP B 142 18.95 -6.55 7.69
CA ASP B 142 19.79 -7.38 8.55
C ASP B 142 19.85 -6.81 9.98
N GLN B 143 19.82 -5.47 10.11
CA GLN B 143 19.91 -4.91 11.45
C GLN B 143 18.60 -5.01 12.21
N LEU B 144 17.46 -4.99 11.52
CA LEU B 144 16.19 -4.82 12.20
C LEU B 144 15.22 -5.99 12.05
N HIS B 145 15.53 -7.01 11.24
CA HIS B 145 14.53 -8.04 10.95
C HIS B 145 14.08 -8.81 12.19
N SER B 146 14.88 -8.86 13.25
CA SER B 146 14.46 -9.65 14.40
C SER B 146 13.35 -8.98 15.21
N PHE B 147 12.96 -7.76 14.86
CA PHE B 147 11.74 -7.19 15.41
C PHE B 147 10.52 -8.05 15.07
N PHE B 148 10.53 -8.68 13.88
CA PHE B 148 9.34 -9.42 13.33
C PHE B 148 9.28 -10.89 13.74
#